data_3O8Z
#
_entry.id   3O8Z
#
_cell.length_a   61.325
_cell.length_b   61.325
_cell.length_c   116.050
_cell.angle_alpha   90.000
_cell.angle_beta   90.000
_cell.angle_gamma   120.000
#
_symmetry.space_group_name_H-M   'P 32 1 2'
#
loop_
_entity.id
_entity.type
_entity.pdbx_description
1 polymer 'Transcription factor IWS1'
2 non-polymer 'SULFATE ION'
3 water water
#
_entity_poly.entity_id   1
_entity_poly.type   'polypeptide(L)'
_entity_poly.pdbx_seq_one_letter_code
;DPFTDDLEQYLDEKILRLKDEMNIAAQLDIDTLNKRIETGDTSLIAMQKVKLLPKVVSVLSKANLADTILDNNLLQSVRI
WLEPLPDGSLPSFEIQKSLFAALNDLPVKTEHLKESGLGRVVIFYTKSKRVEAQLARLAEKLIAEWTRPIIG
;
_entity_poly.pdbx_strand_id   A
#
# COMPACT_ATOMS: atom_id res chain seq x y z
N ASP A 1 14.28 -23.41 -18.99
CA ASP A 1 14.35 -21.96 -19.14
C ASP A 1 13.02 -21.35 -19.62
N PRO A 2 12.44 -21.87 -20.71
CA PRO A 2 11.03 -21.51 -20.95
C PRO A 2 10.15 -21.99 -19.80
N PHE A 3 10.57 -23.07 -19.15
CA PHE A 3 9.87 -23.62 -17.99
C PHE A 3 9.92 -22.61 -16.84
N THR A 4 11.09 -22.03 -16.63
CA THR A 4 11.27 -21.01 -15.60
C THR A 4 10.55 -19.71 -15.95
N ASP A 5 10.55 -19.34 -17.23
CA ASP A 5 9.90 -18.11 -17.67
C ASP A 5 8.37 -18.17 -17.49
N ASP A 6 7.79 -19.32 -17.81
CA ASP A 6 6.35 -19.50 -17.71
C ASP A 6 5.93 -19.38 -16.27
N LEU A 7 6.75 -19.95 -15.41
CA LEU A 7 6.52 -19.98 -13.97
C LEU A 7 6.68 -18.59 -13.33
N GLU A 8 7.62 -17.78 -13.84
CA GLU A 8 7.79 -16.43 -13.32
C GLU A 8 6.67 -15.57 -13.85
N GLN A 9 6.17 -15.90 -15.04
CA GLN A 9 5.09 -15.12 -15.64
C GLN A 9 3.76 -15.43 -14.95
N TYR A 10 3.62 -16.65 -14.46
CA TYR A 10 2.45 -17.03 -13.69
C TYR A 10 2.40 -16.22 -12.39
N LEU A 11 3.55 -16.12 -11.72
CA LEU A 11 3.68 -15.29 -10.52
C LEU A 11 3.33 -13.84 -10.84
N ASP A 12 3.92 -13.32 -11.91
CA ASP A 12 3.69 -11.92 -12.30
C ASP A 12 2.21 -11.65 -12.43
N GLU A 13 1.51 -12.55 -13.12
CA GLU A 13 0.10 -12.37 -13.42
C GLU A 13 -0.77 -12.41 -12.17
N LYS A 14 -0.39 -13.25 -11.22
CA LYS A 14 -1.10 -13.33 -9.94
C LYS A 14 -0.93 -12.04 -9.12
N ILE A 15 0.27 -11.48 -9.10
CA ILE A 15 0.55 -10.22 -8.42
C ILE A 15 -0.14 -9.03 -9.11
N LEU A 16 -0.22 -9.04 -10.44
CA LEU A 16 -0.89 -7.96 -11.19
C LEU A 16 -2.40 -8.05 -11.03
N ARG A 17 -2.90 -9.26 -10.82
CA ARG A 17 -4.30 -9.47 -10.51
C ARG A 17 -4.62 -8.87 -9.14
N LEU A 18 -3.77 -9.14 -8.15
CA LEU A 18 -3.90 -8.53 -6.83
C LEU A 18 -3.81 -7.01 -6.91
N LYS A 19 -2.89 -6.52 -7.73
CA LYS A 19 -2.70 -5.09 -7.93
C LYS A 19 -4.02 -4.49 -8.42
N ASP A 20 -4.67 -5.19 -9.35
CA ASP A 20 -5.95 -4.73 -9.90
C ASP A 20 -7.07 -4.74 -8.84
N GLU A 21 -7.13 -5.80 -8.03
CA GLU A 21 -8.11 -5.90 -6.97
C GLU A 21 -7.89 -4.83 -5.88
N MET A 22 -6.64 -4.50 -5.60
CA MET A 22 -6.35 -3.46 -4.61
C MET A 22 -6.83 -2.11 -5.11
N ASN A 23 -6.58 -1.82 -6.39
CA ASN A 23 -7.01 -0.55 -6.98
C ASN A 23 -8.54 -0.45 -7.05
N ILE A 24 -9.19 -1.56 -7.37
CA ILE A 24 -10.65 -1.60 -7.43
C ILE A 24 -11.24 -1.36 -6.04
N ALA A 25 -10.68 -2.03 -5.04
CA ALA A 25 -11.10 -1.84 -3.64
C ALA A 25 -10.94 -0.39 -3.21
N ALA A 26 -9.78 0.22 -3.52
CA ALA A 26 -9.54 1.60 -3.12
C ALA A 26 -10.52 2.56 -3.81
N GLN A 27 -10.78 2.31 -5.09
CA GLN A 27 -11.66 3.18 -5.86
C GLN A 27 -13.11 3.05 -5.40
N LEU A 28 -13.51 1.82 -5.06
CA LEU A 28 -14.85 1.56 -4.52
C LEU A 28 -15.08 2.30 -3.21
N ASP A 29 -14.09 2.24 -2.32
CA ASP A 29 -14.16 2.95 -1.05
C ASP A 29 -14.22 4.47 -1.24
N ILE A 30 -13.42 5.00 -2.18
CA ILE A 30 -13.50 6.42 -2.49
C ILE A 30 -14.89 6.79 -3.05
N ASP A 31 -15.43 5.97 -3.95
CA ASP A 31 -16.77 6.18 -4.50
C ASP A 31 -17.79 6.18 -3.36
N THR A 32 -17.63 5.24 -2.43
CA THR A 32 -18.58 5.10 -1.34
C THR A 32 -18.55 6.32 -0.44
N LEU A 33 -17.36 6.81 -0.13
CA LEU A 33 -17.23 7.97 0.75
C LEU A 33 -17.71 9.24 0.06
N ASN A 34 -17.50 9.36 -1.25
CA ASN A 34 -18.04 10.49 -1.99
C ASN A 34 -19.58 10.50 -1.92
N LYS A 35 -20.18 9.34 -2.16
CA LYS A 35 -21.63 9.20 -2.11
C LYS A 35 -22.15 9.54 -0.72
N ARG A 36 -21.35 9.21 0.30
CA ARG A 36 -21.69 9.48 1.68
C ARG A 36 -21.80 10.98 1.93
N ILE A 37 -20.76 11.72 1.57
CA ILE A 37 -20.76 13.17 1.72
C ILE A 37 -21.95 13.76 0.98
N GLU A 38 -22.08 13.40 -0.29
CA GLU A 38 -23.10 13.95 -1.17
C GLU A 38 -24.52 13.56 -0.75
N THR A 39 -24.67 12.49 0.03
CA THR A 39 -25.99 11.94 0.32
C THR A 39 -26.39 12.05 1.79
N GLY A 40 -25.41 12.12 2.67
CA GLY A 40 -25.65 12.06 4.09
C GLY A 40 -25.94 10.65 4.58
N ASP A 41 -26.32 9.77 3.66
CA ASP A 41 -26.65 8.40 4.00
C ASP A 41 -25.51 7.77 4.79
N THR A 42 -25.75 7.55 6.09
CA THR A 42 -24.71 7.08 6.99
C THR A 42 -24.61 5.55 7.03
N SER A 43 -25.51 4.87 6.32
CA SER A 43 -25.43 3.42 6.19
C SER A 43 -24.45 3.02 5.10
N LEU A 44 -23.84 4.02 4.47
CA LEU A 44 -22.78 3.78 3.49
C LEU A 44 -21.45 3.67 4.23
N ILE A 45 -20.87 2.48 4.21
CA ILE A 45 -19.61 2.23 4.92
C ILE A 45 -18.56 1.71 3.93
N ALA A 46 -17.36 2.27 3.98
CA ALA A 46 -16.31 1.92 3.02
C ALA A 46 -15.39 0.86 3.61
N MET A 47 -15.59 -0.39 3.21
CA MET A 47 -14.89 -1.51 3.84
C MET A 47 -14.14 -2.38 2.84
N GLN A 48 -14.10 -1.98 1.57
CA GLN A 48 -13.48 -2.85 0.57
C GLN A 48 -11.98 -3.13 0.81
N LYS A 49 -11.23 -2.12 1.26
CA LYS A 49 -9.80 -2.32 1.56
C LYS A 49 -9.63 -3.24 2.77
N VAL A 50 -10.41 -3.00 3.81
CA VAL A 50 -10.38 -3.83 5.02
C VAL A 50 -10.68 -5.30 4.67
N LYS A 51 -11.63 -5.54 3.78
CA LYS A 51 -11.97 -6.92 3.42
C LYS A 51 -10.83 -7.63 2.70
N LEU A 52 -10.09 -6.89 1.87
CA LEU A 52 -9.03 -7.45 1.06
C LEU A 52 -7.69 -7.48 1.80
N LEU A 53 -7.60 -6.77 2.93
CA LEU A 53 -6.33 -6.64 3.64
C LEU A 53 -5.63 -7.98 3.98
N PRO A 54 -6.36 -8.96 4.53
CA PRO A 54 -5.71 -10.23 4.87
C PRO A 54 -4.99 -10.89 3.67
N LYS A 55 -5.62 -10.88 2.51
CA LYS A 55 -4.98 -11.37 1.30
C LYS A 55 -3.73 -10.55 0.93
N VAL A 56 -3.83 -9.23 1.06
CA VAL A 56 -2.70 -8.35 0.78
C VAL A 56 -1.53 -8.63 1.75
N VAL A 57 -1.84 -8.77 3.02
CA VAL A 57 -0.83 -9.00 4.03
C VAL A 57 -0.16 -10.36 3.84
N SER A 58 -0.94 -11.36 3.44
CA SER A 58 -0.39 -12.69 3.24
C SER A 58 0.63 -12.65 2.10
N VAL A 59 0.28 -11.99 1.00
CA VAL A 59 1.17 -11.91 -0.15
C VAL A 59 2.46 -11.17 0.20
N LEU A 60 2.35 -10.00 0.83
CA LEU A 60 3.49 -9.16 1.16
C LEU A 60 4.40 -9.82 2.16
N SER A 61 3.89 -10.82 2.88
CA SER A 61 4.64 -11.48 3.94
C SER A 61 5.44 -12.69 3.45
N LYS A 62 5.14 -13.20 2.26
CA LYS A 62 5.88 -14.34 1.72
C LYS A 62 7.22 -13.89 1.15
N ALA A 63 8.30 -14.39 1.75
CA ALA A 63 9.66 -14.09 1.31
C ALA A 63 9.85 -14.34 -0.19
N ASN A 64 9.38 -15.47 -0.70
CA ASN A 64 9.66 -15.79 -2.11
C ASN A 64 8.77 -15.02 -3.10
N LEU A 65 7.92 -14.13 -2.58
CA LEU A 65 7.11 -13.29 -3.46
C LEU A 65 7.64 -11.86 -3.58
N ALA A 66 8.66 -11.52 -2.80
CA ALA A 66 9.19 -10.15 -2.76
C ALA A 66 9.62 -9.63 -4.13
N ASP A 67 10.37 -10.43 -4.89
CA ASP A 67 10.85 -10.00 -6.22
C ASP A 67 9.68 -9.70 -7.16
N THR A 68 8.67 -10.58 -7.15
CA THR A 68 7.52 -10.40 -8.02
C THR A 68 6.74 -9.15 -7.63
N ILE A 69 6.53 -8.98 -6.33
CA ILE A 69 5.86 -7.80 -5.80
C ILE A 69 6.55 -6.51 -6.30
N LEU A 70 7.86 -6.45 -6.12
CA LEU A 70 8.63 -5.26 -6.45
C LEU A 70 8.73 -5.06 -7.97
N ASP A 71 8.94 -6.15 -8.71
CA ASP A 71 9.06 -6.07 -10.17
C ASP A 71 7.80 -5.57 -10.85
N ASN A 72 6.65 -5.76 -10.22
CA ASN A 72 5.39 -5.46 -10.89
C ASN A 72 4.69 -4.22 -10.31
N ASN A 73 5.43 -3.46 -9.51
CA ASN A 73 4.95 -2.17 -9.02
C ASN A 73 3.68 -2.27 -8.18
N LEU A 74 3.58 -3.34 -7.39
CA LEU A 74 2.50 -3.48 -6.44
C LEU A 74 2.55 -2.35 -5.38
N LEU A 75 3.74 -1.81 -5.13
CA LEU A 75 3.89 -0.71 -4.17
C LEU A 75 3.11 0.52 -4.59
N GLN A 76 2.79 0.64 -5.86
CA GLN A 76 1.94 1.74 -6.31
C GLN A 76 0.52 1.61 -5.70
N SER A 77 0.02 0.38 -5.59
CA SER A 77 -1.28 0.11 -4.97
C SER A 77 -1.23 0.35 -3.48
N VAL A 78 -0.11 -0.05 -2.88
CA VAL A 78 0.15 0.23 -1.46
C VAL A 78 0.08 1.74 -1.17
N ARG A 79 0.67 2.54 -2.05
CA ARG A 79 0.65 3.99 -1.89
C ARG A 79 -0.79 4.51 -1.89
N ILE A 80 -1.57 4.02 -2.84
CA ILE A 80 -2.95 4.43 -2.99
C ILE A 80 -3.76 4.05 -1.75
N TRP A 81 -3.46 2.88 -1.17
CA TRP A 81 -4.16 2.44 0.04
C TRP A 81 -3.86 3.34 1.23
N LEU A 82 -2.67 3.94 1.24
CA LEU A 82 -2.26 4.80 2.36
C LEU A 82 -2.75 6.24 2.22
N GLU A 83 -3.26 6.61 1.06
CA GLU A 83 -3.63 8.01 0.82
C GLU A 83 -4.86 8.44 1.60
N PRO A 84 -4.89 9.71 2.03
CA PRO A 84 -6.08 10.28 2.70
C PRO A 84 -7.34 10.17 1.85
N LEU A 85 -8.48 10.04 2.51
CA LEU A 85 -9.73 9.78 1.85
C LEU A 85 -10.57 11.06 1.71
N PRO A 86 -11.58 11.02 0.84
CA PRO A 86 -12.37 12.23 0.52
C PRO A 86 -13.11 12.84 1.70
N ASP A 87 -13.42 12.04 2.74
CA ASP A 87 -14.12 12.57 3.91
C ASP A 87 -13.17 13.11 4.99
N GLY A 88 -11.88 13.21 4.65
CA GLY A 88 -10.89 13.73 5.56
C GLY A 88 -10.24 12.70 6.48
N SER A 89 -10.62 11.44 6.33
CA SER A 89 -10.06 10.39 7.19
C SER A 89 -8.79 9.79 6.57
N LEU A 90 -8.06 9.04 7.38
CA LEU A 90 -7.01 8.15 6.89
C LEU A 90 -7.58 6.73 6.85
N PRO A 91 -6.96 5.83 6.09
CA PRO A 91 -7.40 4.43 6.16
C PRO A 91 -7.23 3.91 7.58
N SER A 92 -7.87 2.79 7.93
CA SER A 92 -7.85 2.30 9.30
C SER A 92 -6.45 2.05 9.85
N PHE A 93 -6.35 2.06 11.17
CA PHE A 93 -5.10 1.80 11.87
C PHE A 93 -4.47 0.50 11.41
N GLU A 94 -5.32 -0.51 11.22
CA GLU A 94 -4.87 -1.84 10.87
C GLU A 94 -4.23 -1.85 9.49
N ILE A 95 -4.84 -1.10 8.56
CA ILE A 95 -4.28 -0.96 7.22
C ILE A 95 -2.93 -0.29 7.30
N GLN A 96 -2.86 0.85 7.99
CA GLN A 96 -1.61 1.57 8.11
C GLN A 96 -0.52 0.69 8.70
N LYS A 97 -0.83 0.04 9.80
CA LYS A 97 0.19 -0.69 10.55
C LYS A 97 0.67 -1.91 9.78
N SER A 98 -0.28 -2.62 9.17
CA SER A 98 0.04 -3.81 8.38
C SER A 98 0.91 -3.46 7.18
N LEU A 99 0.60 -2.35 6.50
CA LEU A 99 1.38 -1.93 5.35
C LEU A 99 2.78 -1.45 5.76
N PHE A 100 2.90 -0.65 6.82
CA PHE A 100 4.23 -0.21 7.25
C PHE A 100 5.12 -1.38 7.69
N ALA A 101 4.54 -2.33 8.42
CA ALA A 101 5.29 -3.50 8.87
C ALA A 101 5.78 -4.32 7.67
N ALA A 102 4.95 -4.42 6.64
CA ALA A 102 5.31 -5.16 5.45
C ALA A 102 6.41 -4.43 4.70
N LEU A 103 6.31 -3.10 4.66
CA LEU A 103 7.30 -2.28 3.96
C LEU A 103 8.67 -2.41 4.61
N ASN A 104 8.67 -2.52 5.94
CA ASN A 104 9.90 -2.67 6.69
C ASN A 104 10.63 -3.99 6.34
N ASP A 105 9.89 -5.02 5.98
CA ASP A 105 10.53 -6.31 5.67
C ASP A 105 10.77 -6.54 4.17
N LEU A 106 10.31 -5.64 3.31
CA LEU A 106 10.51 -5.79 1.88
C LEU A 106 11.82 -5.12 1.50
N PRO A 107 12.59 -5.73 0.58
CA PRO A 107 13.86 -5.08 0.20
C PRO A 107 13.60 -3.98 -0.82
N VAL A 108 12.95 -2.90 -0.39
CA VAL A 108 12.53 -1.83 -1.28
C VAL A 108 13.74 -1.03 -1.76
N LYS A 109 13.81 -0.79 -3.06
CA LYS A 109 14.93 -0.06 -3.63
C LYS A 109 14.50 1.28 -4.16
N THR A 110 15.47 2.14 -4.47
CA THR A 110 15.17 3.47 -4.98
C THR A 110 14.30 3.44 -6.23
N GLU A 111 14.59 2.53 -7.15
CA GLU A 111 13.81 2.46 -8.38
C GLU A 111 12.34 2.12 -8.08
N HIS A 112 12.11 1.33 -7.06
CA HIS A 112 10.74 0.94 -6.70
C HIS A 112 9.97 2.12 -6.16
N LEU A 113 10.66 2.94 -5.37
CA LEU A 113 10.10 4.18 -4.87
C LEU A 113 9.82 5.19 -5.99
N LYS A 114 10.72 5.27 -6.95
CA LYS A 114 10.54 6.20 -8.07
C LYS A 114 9.29 5.82 -8.86
N GLU A 115 9.15 4.53 -9.13
CA GLU A 115 8.05 4.04 -9.97
C GLU A 115 6.69 4.08 -9.26
N SER A 116 6.69 3.99 -7.92
CA SER A 116 5.45 3.85 -7.16
C SER A 116 4.92 5.16 -6.54
N GLY A 117 5.80 6.13 -6.34
CA GLY A 117 5.42 7.35 -5.62
C GLY A 117 5.20 7.12 -4.13
N LEU A 118 5.61 5.95 -3.64
CA LEU A 118 5.31 5.56 -2.28
C LEU A 118 5.97 6.47 -1.24
N GLY A 119 7.18 6.94 -1.52
CA GLY A 119 7.88 7.81 -0.60
C GLY A 119 7.11 9.08 -0.29
N ARG A 120 6.43 9.62 -1.28
CA ARG A 120 5.66 10.85 -1.11
C ARG A 120 4.53 10.70 -0.05
N VAL A 121 3.82 9.58 -0.03
CA VAL A 121 2.76 9.40 0.97
C VAL A 121 3.33 9.06 2.36
N VAL A 122 4.41 8.27 2.39
CA VAL A 122 5.04 7.91 3.65
C VAL A 122 5.60 9.14 4.38
N ILE A 123 6.15 10.09 3.63
CA ILE A 123 6.64 11.33 4.22
C ILE A 123 5.46 12.12 4.80
N PHE A 124 4.31 12.09 4.13
CA PHE A 124 3.10 12.70 4.68
C PHE A 124 2.75 12.11 6.06
N TYR A 125 3.02 10.81 6.24
CA TYR A 125 2.73 10.16 7.53
C TYR A 125 3.63 10.60 8.68
N THR A 126 4.84 11.09 8.39
CA THR A 126 5.71 11.59 9.44
C THR A 126 5.25 12.95 9.98
N LYS A 127 4.37 13.62 9.26
CA LYS A 127 3.95 14.98 9.64
C LYS A 127 2.47 15.09 10.04
N SER A 128 1.60 14.32 9.40
CA SER A 128 0.15 14.48 9.61
C SER A 128 -0.25 14.36 11.08
N LYS A 129 -1.10 15.27 11.53
CA LYS A 129 -1.62 15.22 12.89
C LYS A 129 -2.68 14.13 13.08
N ARG A 130 -3.21 13.61 11.98
CA ARG A 130 -4.16 12.49 12.03
C ARG A 130 -3.48 11.12 12.25
N VAL A 131 -2.15 11.09 12.22
CA VAL A 131 -1.44 9.82 12.35
C VAL A 131 -1.07 9.58 13.81
N GLU A 132 -1.32 8.38 14.30
CA GLU A 132 -0.89 8.01 15.64
C GLU A 132 0.64 8.04 15.70
N ALA A 133 1.17 8.47 16.83
CA ALA A 133 2.61 8.62 17.05
C ALA A 133 3.44 7.40 16.71
N GLN A 134 3.01 6.21 17.10
CA GLN A 134 3.84 5.03 16.89
C GLN A 134 3.96 4.71 15.40
N LEU A 135 2.96 5.10 14.63
CA LEU A 135 2.98 4.85 13.20
C LEU A 135 3.77 5.96 12.49
N ALA A 136 3.69 7.18 13.01
CA ALA A 136 4.53 8.27 12.53
C ALA A 136 6.00 7.87 12.68
N ARG A 137 6.33 7.19 13.77
CA ARG A 137 7.70 6.72 14.00
C ARG A 137 8.11 5.66 12.99
N LEU A 138 7.23 4.71 12.69
CA LEU A 138 7.52 3.70 11.68
C LEU A 138 7.76 4.36 10.34
N ALA A 139 6.96 5.39 10.05
CA ALA A 139 7.08 6.12 8.79
C ALA A 139 8.43 6.84 8.71
N GLU A 140 8.88 7.40 9.83
CA GLU A 140 10.16 8.11 9.88
C GLU A 140 11.35 7.19 9.68
N LYS A 141 11.25 6.00 10.28
CA LYS A 141 12.28 4.99 10.15
C LYS A 141 12.37 4.52 8.69
N LEU A 142 11.22 4.34 8.04
CA LEU A 142 11.22 3.99 6.62
C LEU A 142 11.89 5.07 5.76
N ILE A 143 11.51 6.33 5.95
CA ILE A 143 12.09 7.43 5.18
C ILE A 143 13.61 7.47 5.37
N ALA A 144 14.07 7.24 6.59
CA ALA A 144 15.50 7.33 6.89
C ALA A 144 16.27 6.23 6.16
N GLU A 145 15.77 5.00 6.24
CA GLU A 145 16.35 3.90 5.49
C GLU A 145 16.32 4.11 3.97
N TRP A 146 15.23 4.65 3.44
CA TRP A 146 15.11 4.82 2.00
C TRP A 146 16.02 5.92 1.46
N THR A 147 16.29 6.93 2.29
CA THR A 147 17.11 8.05 1.83
C THR A 147 18.59 7.85 2.14
N ARG A 148 18.91 6.80 2.89
CA ARG A 148 20.27 6.61 3.39
C ARG A 148 21.31 6.49 2.27
N PRO A 149 20.98 5.78 1.18
CA PRO A 149 21.89 5.65 0.04
C PRO A 149 22.32 6.99 -0.55
N ILE A 150 21.45 7.98 -0.50
CA ILE A 150 21.75 9.30 -1.05
C ILE A 150 22.43 10.21 -0.03
N ILE A 151 21.95 10.16 1.21
CA ILE A 151 22.24 11.21 2.17
C ILE A 151 22.98 10.72 3.42
N GLY A 152 23.03 9.41 3.61
CA GLY A 152 23.71 8.84 4.75
C GLY A 152 22.81 8.76 5.98
#